data_9HUR
#
_entry.id   9HUR
#
_cell.length_a   45.630
_cell.length_b   45.630
_cell.length_c   228.440
_cell.angle_alpha   90.000
_cell.angle_beta   90.000
_cell.angle_gamma   90.000
#
_symmetry.space_group_name_H-M   'P 41 21 2'
#
loop_
_entity.id
_entity.type
_entity.pdbx_description
1 polymer 'CD63 antigen'
2 polymer 'sybody LA4'
3 non-polymer 'SULFATE ION'
4 non-polymer 'SODIUM ION'
5 water water
#
loop_
_entity_poly.entity_id
_entity_poly.type
_entity_poly.pdbx_seq_one_letter_code
_entity_poly.pdbx_strand_id
1 'polypeptide(L)'
;RSGYVFRDKVMSEFNNNFRQQMENYPKNSHTASILDRMQADFKCCGAASYTDWEKIPSMSKNRVPDSCCISVTVGCGINF
NEKAIHKEGCVEKIGGWLRKNVENLYFQ
;
A
2 'polypeptide(L)'
;GSSSQVQLVESGGGSVQAGGSLRLSCAASGSISSITYLGWFRQAPGKEREGVAALMTTDGSTYYANSVKGRFTVSLDNAK
NTVYLQMNSLKPEDTALYYCAAAENGFKIPLWEYIYTYWGQGTQVTVSAGRAGEQKLISEEDLNSAVDHHHHHH
;
B
#
# COMPACT_ATOMS: atom_id res chain seq x y z
N ARG A 7 -15.97 -5.23 -8.05
CA ARG A 7 -16.78 -6.21 -7.32
C ARG A 7 -17.51 -5.53 -6.17
N ASP A 8 -18.64 -6.12 -5.78
CA ASP A 8 -19.27 -5.78 -4.51
C ASP A 8 -18.57 -6.47 -3.34
N LYS A 9 -17.72 -7.46 -3.63
CA LYS A 9 -16.80 -7.93 -2.61
C LYS A 9 -15.72 -6.89 -2.35
N VAL A 10 -15.19 -6.27 -3.42
CA VAL A 10 -14.23 -5.19 -3.26
C VAL A 10 -14.82 -4.06 -2.43
N MET A 11 -16.11 -3.74 -2.65
CA MET A 11 -16.74 -2.66 -1.91
C MET A 11 -17.00 -3.05 -0.45
N SER A 12 -17.66 -4.19 -0.25
CA SER A 12 -18.04 -4.62 1.09
C SER A 12 -16.83 -4.81 1.98
N GLU A 13 -15.77 -5.42 1.43
CA GLU A 13 -14.55 -5.61 2.20
C GLU A 13 -13.88 -4.29 2.51
N PHE A 14 -13.77 -3.41 1.51
CA PHE A 14 -13.14 -2.13 1.76
C PHE A 14 -13.93 -1.35 2.79
N ASN A 15 -15.27 -1.40 2.69
CA ASN A 15 -16.09 -0.75 3.72
C ASN A 15 -15.81 -1.35 5.09
N ASN A 16 -15.80 -2.67 5.18
CA ASN A 16 -15.61 -3.29 6.49
C ASN A 16 -14.22 -2.98 7.02
N ASN A 17 -13.21 -3.10 6.16
CA ASN A 17 -11.83 -2.90 6.59
C ASN A 17 -11.56 -1.44 6.96
N PHE A 18 -12.08 -0.50 6.17
CA PHE A 18 -11.88 0.88 6.52
C PHE A 18 -12.51 1.20 7.88
N ARG A 19 -13.68 0.65 8.14
CA ARG A 19 -14.30 0.90 9.43
C ARG A 19 -13.50 0.27 10.56
N GLN A 20 -13.03 -0.98 10.36
CA GLN A 20 -12.26 -1.63 11.40
C GLN A 20 -10.94 -0.90 11.62
N GLN A 21 -10.35 -0.38 10.53
CA GLN A 21 -9.14 0.39 10.70
C GLN A 21 -9.39 1.70 11.43
N MET A 22 -10.57 2.31 11.25
CA MET A 22 -10.91 3.48 12.05
C MET A 22 -10.93 3.13 13.54
N GLU A 23 -11.45 1.96 13.88
CA GLU A 23 -11.42 1.50 15.26
C GLU A 23 -9.99 1.37 15.75
N ASN A 24 -9.08 0.91 14.90
CA ASN A 24 -7.71 0.74 15.36
C ASN A 24 -6.86 1.99 15.25
N TYR A 25 -7.38 3.04 14.60
CA TYR A 25 -6.64 4.29 14.43
C TYR A 25 -6.01 4.78 15.74
N PRO A 26 -6.74 4.88 16.87
CA PRO A 26 -6.09 5.34 18.11
C PRO A 26 -5.04 4.38 18.66
N LYS A 27 -5.07 3.12 18.25
CA LYS A 27 -4.29 2.08 18.90
C LYS A 27 -2.95 1.81 18.23
N ASN A 28 -2.79 2.21 16.97
CA ASN A 28 -1.71 1.69 16.14
C ASN A 28 -1.28 2.84 15.24
N SER A 29 -0.07 3.39 15.46
CA SER A 29 0.31 4.56 14.68
C SER A 29 0.52 4.27 13.19
N HIS A 30 0.80 3.00 12.82
CA HIS A 30 0.91 2.65 11.41
C HIS A 30 -0.44 2.68 10.75
N THR A 31 -1.46 2.13 11.42
CA THR A 31 -2.83 2.22 10.93
C THR A 31 -3.21 3.68 10.76
N ALA A 32 -2.84 4.49 11.74
CA ALA A 32 -3.16 5.91 11.67
C ALA A 32 -2.51 6.55 10.45
N SER A 33 -1.24 6.23 10.19
CA SER A 33 -0.57 6.82 9.05
C SER A 33 -1.22 6.39 7.74
N ILE A 34 -1.65 5.13 7.68
CA ILE A 34 -2.31 4.63 6.46
C ILE A 34 -3.61 5.39 6.21
N LEU A 35 -4.50 5.43 7.21
CA LEU A 35 -5.75 6.15 6.98
C LEU A 35 -5.51 7.62 6.76
N ASP A 36 -4.46 8.18 7.38
CA ASP A 36 -4.19 9.60 7.17
C ASP A 36 -3.86 9.86 5.71
N ARG A 37 -3.01 9.02 5.11
CA ARG A 37 -2.66 9.28 3.72
C ARG A 37 -3.88 9.11 2.82
N MET A 38 -4.75 8.13 3.13
CA MET A 38 -5.99 7.98 2.36
C MET A 38 -6.86 9.23 2.46
N GLN A 39 -7.12 9.67 3.68
CA GLN A 39 -8.02 10.83 3.83
C GLN A 39 -7.45 12.09 3.20
N ALA A 40 -6.14 12.33 3.39
CA ALA A 40 -5.52 13.53 2.83
C ALA A 40 -5.47 13.46 1.31
N ASP A 41 -5.08 12.31 0.77
CA ASP A 41 -4.84 12.28 -0.68
C ASP A 41 -6.15 12.22 -1.45
N PHE A 42 -7.14 11.51 -0.92
CA PHE A 42 -8.42 11.41 -1.59
C PHE A 42 -9.41 12.48 -1.11
N LYS A 43 -8.99 13.37 -0.20
CA LYS A 43 -9.82 14.48 0.26
C LYS A 43 -11.17 13.98 0.75
N CYS A 44 -11.10 13.14 1.77
CA CYS A 44 -12.30 12.57 2.34
C CYS A 44 -12.08 12.38 3.85
N CYS A 45 -13.14 12.09 4.57
CA CYS A 45 -13.01 11.89 6.00
C CYS A 45 -14.02 10.86 6.47
N GLY A 46 -13.55 9.81 7.18
CA GLY A 46 -14.44 8.81 7.76
C GLY A 46 -14.89 7.82 6.69
N ALA A 47 -15.88 6.97 7.02
CA ALA A 47 -16.29 5.95 6.03
C ALA A 47 -17.46 6.46 5.18
N ALA A 48 -18.63 6.67 5.82
CA ALA A 48 -19.75 7.37 5.18
C ALA A 48 -19.60 8.89 5.26
N SER A 49 -19.03 9.41 6.35
CA SER A 49 -19.00 10.83 6.64
C SER A 49 -17.99 11.05 7.75
N TYR A 50 -17.56 12.30 7.87
CA TYR A 50 -16.71 12.69 9.00
C TYR A 50 -17.37 12.39 10.33
N THR A 51 -18.70 12.36 10.36
CA THR A 51 -19.38 12.13 11.64
C THR A 51 -19.10 10.74 12.17
N ASP A 52 -18.59 9.84 11.30
CA ASP A 52 -18.25 8.48 11.72
C ASP A 52 -17.21 8.48 12.82
N TRP A 53 -16.35 9.50 12.88
CA TRP A 53 -15.30 9.51 13.90
C TRP A 53 -15.89 9.65 15.29
N GLU A 54 -17.08 10.25 15.40
CA GLU A 54 -17.75 10.41 16.70
C GLU A 54 -17.90 9.11 17.46
N LYS A 55 -17.94 7.98 16.78
CA LYS A 55 -18.12 6.66 17.39
C LYS A 55 -16.79 5.96 17.73
N ILE A 56 -15.67 6.63 17.58
CA ILE A 56 -14.34 6.03 17.78
C ILE A 56 -13.76 6.54 19.09
N PRO A 57 -13.34 5.67 20.00
CA PRO A 57 -12.66 6.11 21.22
C PRO A 57 -11.43 6.96 20.90
N SER A 58 -10.99 7.74 21.90
CA SER A 58 -9.92 8.72 21.77
C SER A 58 -10.31 9.85 20.82
N MET A 59 -11.36 9.65 20.03
CA MET A 59 -11.92 10.71 19.19
C MET A 59 -13.17 11.19 19.91
N SER A 60 -13.05 12.35 20.56
CA SER A 60 -14.23 12.97 21.14
C SER A 60 -15.18 13.39 20.03
N LYS A 61 -16.36 13.87 20.43
CA LYS A 61 -17.11 14.73 19.56
C LYS A 61 -16.25 15.95 19.22
N ASN A 62 -16.47 16.50 18.05
CA ASN A 62 -15.68 17.63 17.56
C ASN A 62 -14.15 17.37 17.57
N ARG A 63 -13.70 16.12 17.43
CA ARG A 63 -12.30 15.86 17.10
C ARG A 63 -12.26 14.87 15.95
N VAL A 64 -11.62 15.25 14.85
CA VAL A 64 -11.31 14.31 13.78
C VAL A 64 -9.80 14.24 13.57
N PRO A 65 -9.30 13.24 12.86
CA PRO A 65 -7.90 13.28 12.47
C PRO A 65 -7.57 14.55 11.72
N ASP A 66 -6.35 15.04 11.94
CA ASP A 66 -5.89 16.22 11.21
C ASP A 66 -5.96 16.00 9.71
N SER A 67 -5.85 14.74 9.28
CA SER A 67 -5.86 14.47 7.84
C SER A 67 -7.22 14.76 7.23
N CYS A 68 -8.27 14.94 8.06
CA CYS A 68 -9.55 15.36 7.51
C CYS A 68 -9.59 16.84 7.18
N CYS A 69 -8.63 17.61 7.66
CA CYS A 69 -8.74 19.05 7.45
C CYS A 69 -8.46 19.41 6.00
N ILE A 70 -9.18 20.41 5.49
CA ILE A 70 -8.88 20.92 4.15
C ILE A 70 -7.45 21.46 4.09
N SER A 71 -7.02 22.17 5.13
CA SER A 71 -5.63 22.62 5.28
C SER A 71 -5.06 21.89 6.47
N VAL A 72 -4.18 20.92 6.21
CA VAL A 72 -3.67 20.03 7.25
C VAL A 72 -2.54 20.75 7.99
N THR A 73 -2.80 21.11 9.24
CA THR A 73 -1.79 21.62 10.14
C THR A 73 -1.91 20.79 11.40
N VAL A 74 -0.81 20.75 12.16
CA VAL A 74 -0.78 20.01 13.41
C VAL A 74 -1.90 20.46 14.33
N GLY A 75 -2.75 19.53 14.73
CA GLY A 75 -3.84 19.81 15.65
C GLY A 75 -5.10 20.43 15.05
N CYS A 76 -5.16 20.61 13.71
CA CYS A 76 -6.34 21.22 13.09
C CYS A 76 -7.65 20.45 13.35
N GLY A 77 -7.57 19.15 13.64
CA GLY A 77 -8.81 18.38 13.79
C GLY A 77 -9.44 18.54 15.16
N ILE A 78 -8.75 19.22 16.05
CA ILE A 78 -9.25 19.47 17.40
C ILE A 78 -10.29 20.58 17.36
N ASN A 79 -11.47 20.29 17.92
CA ASN A 79 -12.59 21.26 17.97
C ASN A 79 -12.90 21.78 16.57
N PHE A 80 -12.95 20.87 15.60
CA PHE A 80 -13.01 21.28 14.21
C PHE A 80 -14.33 21.98 13.90
N ASN A 81 -14.30 22.86 12.89
CA ASN A 81 -15.49 23.44 12.27
C ASN A 81 -15.80 22.70 10.98
N GLU A 82 -17.09 22.46 10.73
CA GLU A 82 -17.54 21.69 9.56
C GLU A 82 -17.00 22.31 8.26
N LYS A 83 -16.90 23.65 8.22
CA LYS A 83 -16.42 24.30 7.01
C LYS A 83 -14.93 24.05 6.75
N ALA A 84 -14.19 23.57 7.75
CA ALA A 84 -12.75 23.39 7.60
C ALA A 84 -12.32 21.95 7.27
N ILE A 85 -13.28 21.01 7.16
CA ILE A 85 -13.02 19.59 6.97
C ILE A 85 -13.58 19.12 5.61
N HIS A 86 -13.05 17.99 5.12
CA HIS A 86 -13.61 17.23 4.00
C HIS A 86 -14.89 16.58 4.45
N LYS A 87 -16.00 16.91 3.82
CA LYS A 87 -17.23 16.33 4.32
C LYS A 87 -17.52 14.94 3.74
N GLU A 88 -17.02 14.62 2.54
CA GLU A 88 -17.36 13.34 1.92
C GLU A 88 -16.65 12.15 2.57
N GLY A 89 -17.39 11.06 2.74
CA GLY A 89 -16.77 9.83 3.22
C GLY A 89 -15.80 9.20 2.23
N CYS A 90 -14.86 8.40 2.77
CA CYS A 90 -13.81 7.76 1.97
C CYS A 90 -14.29 6.49 1.29
N VAL A 91 -15.29 5.81 1.84
CA VAL A 91 -15.57 4.47 1.31
C VAL A 91 -16.11 4.57 -0.12
N GLU A 92 -17.12 5.44 -0.36
CA GLU A 92 -17.63 5.53 -1.73
C GLU A 92 -16.61 6.12 -2.68
N LYS A 93 -15.89 7.14 -2.22
CA LYS A 93 -14.94 7.84 -3.07
C LYS A 93 -13.72 6.97 -3.42
N ILE A 94 -13.05 6.43 -2.41
CA ILE A 94 -11.91 5.55 -2.67
C ILE A 94 -12.39 4.25 -3.30
N GLY A 95 -13.53 3.73 -2.83
CA GLY A 95 -14.04 2.48 -3.38
C GLY A 95 -14.29 2.55 -4.87
N GLY A 96 -14.89 3.65 -5.34
CA GLY A 96 -15.11 3.75 -6.77
C GLY A 96 -13.81 3.80 -7.54
N TRP A 97 -12.80 4.40 -6.93
CA TRP A 97 -11.46 4.44 -7.54
C TRP A 97 -10.84 3.03 -7.58
N LEU A 98 -10.97 2.27 -6.48
CA LEU A 98 -10.53 0.87 -6.48
C LEU A 98 -11.27 0.03 -7.53
N ARG A 99 -12.60 0.20 -7.67
CA ARG A 99 -13.31 -0.59 -8.68
C ARG A 99 -12.83 -0.24 -10.08
N LYS A 100 -12.49 1.02 -10.31
CA LYS A 100 -12.03 1.50 -11.60
C LYS A 100 -10.60 1.02 -11.89
N ASN A 101 -9.87 0.56 -10.86
CA ASN A 101 -8.50 0.07 -11.06
C ASN A 101 -8.30 -1.36 -10.52
N VAL A 102 -9.27 -2.27 -10.73
CA VAL A 102 -9.30 -3.53 -9.98
C VAL A 102 -8.35 -4.59 -10.56
N GLU A 103 -8.22 -4.65 -11.89
CA GLU A 103 -7.31 -5.60 -12.52
C GLU A 103 -5.87 -5.15 -12.45
N ASN A 104 -5.59 -4.13 -11.64
CA ASN A 104 -4.23 -3.68 -11.39
C ASN A 104 -3.89 -3.69 -9.89
N LEU A 105 -4.83 -4.12 -9.02
CA LEU A 105 -4.65 -4.06 -7.56
C LEU A 105 -4.94 -5.37 -6.83
N TYR A 106 -5.57 -6.37 -7.46
CA TYR A 106 -6.13 -7.51 -6.71
C TYR A 106 -6.02 -8.87 -7.39
N PHE A 107 -5.68 -8.95 -8.68
CA PHE A 107 -5.69 -10.21 -9.41
C PHE A 107 -4.42 -11.03 -9.11
N GLN A 108 -4.57 -12.36 -9.14
CA GLN A 108 -3.50 -13.26 -8.66
C GLN A 108 -2.56 -13.74 -9.77
N SER B 3 8.22 3.29 8.27
CA SER B 3 8.59 3.51 9.67
C SER B 3 9.76 2.60 10.13
N SER B 4 10.33 2.91 11.29
CA SER B 4 11.58 2.32 11.74
C SER B 4 11.41 1.02 12.52
N GLN B 5 10.20 0.48 12.64
CA GLN B 5 10.08 -0.80 13.32
C GLN B 5 10.55 -1.93 12.39
N VAL B 6 10.45 -1.73 11.09
CA VAL B 6 10.85 -2.70 10.07
C VAL B 6 11.74 -2.00 9.04
N GLN B 7 12.84 -2.66 8.64
CA GLN B 7 13.71 -2.16 7.57
C GLN B 7 13.66 -3.16 6.42
N LEU B 8 13.63 -2.63 5.21
CA LEU B 8 13.67 -3.47 4.00
C LEU B 8 14.83 -3.03 3.14
N VAL B 9 15.65 -4.01 2.68
CA VAL B 9 16.87 -3.71 1.90
C VAL B 9 16.85 -4.54 0.62
N GLU B 10 16.74 -3.85 -0.53
CA GLU B 10 16.73 -4.49 -1.84
C GLU B 10 18.12 -4.69 -2.39
N SER B 11 18.27 -5.77 -3.12
CA SER B 11 19.50 -5.97 -3.86
C SER B 11 19.16 -6.79 -5.10
N GLY B 12 20.15 -6.92 -5.94
CA GLY B 12 20.00 -7.76 -7.13
C GLY B 12 19.62 -7.00 -8.38
N GLY B 13 19.51 -5.67 -8.33
CA GLY B 13 19.32 -4.89 -9.52
C GLY B 13 20.51 -4.93 -10.46
N GLY B 14 20.33 -4.33 -11.63
CA GLY B 14 21.38 -4.29 -12.62
C GLY B 14 20.82 -3.91 -13.99
N SER B 15 21.70 -4.06 -14.99
CA SER B 15 21.45 -3.71 -16.38
C SER B 15 21.57 -4.95 -17.25
N VAL B 16 20.54 -5.24 -18.01
CA VAL B 16 20.56 -6.45 -18.83
C VAL B 16 19.98 -6.13 -20.20
N GLN B 17 20.29 -7.01 -21.15
CA GLN B 17 19.69 -6.89 -22.46
C GLN B 17 18.29 -7.48 -22.41
N ALA B 18 17.42 -6.94 -23.25
CA ALA B 18 16.04 -7.41 -23.32
C ALA B 18 16.00 -8.92 -23.58
N GLY B 19 14.97 -9.56 -22.99
CA GLY B 19 14.84 -11.00 -23.01
C GLY B 19 15.59 -11.72 -21.90
N GLY B 20 16.51 -11.03 -21.22
CA GLY B 20 17.27 -11.60 -20.11
C GLY B 20 16.47 -11.64 -18.81
N SER B 21 17.15 -12.04 -17.73
CA SER B 21 16.52 -12.25 -16.43
C SER B 21 17.33 -11.54 -15.35
N LEU B 22 16.66 -11.25 -14.22
CA LEU B 22 17.28 -10.79 -12.98
C LEU B 22 16.57 -11.49 -11.85
N ARG B 23 17.14 -11.37 -10.64
CA ARG B 23 16.37 -11.80 -9.46
C ARG B 23 16.59 -10.77 -8.37
N LEU B 24 15.54 -9.99 -8.08
CA LEU B 24 15.67 -9.05 -6.99
C LEU B 24 15.48 -9.77 -5.66
N SER B 25 16.12 -9.26 -4.60
CA SER B 25 15.88 -9.84 -3.28
C SER B 25 15.64 -8.70 -2.31
N CYS B 26 14.83 -8.97 -1.28
CA CYS B 26 14.58 -7.92 -0.31
C CYS B 26 14.72 -8.56 1.07
N ALA B 27 15.67 -8.09 1.87
CA ALA B 27 15.93 -8.65 3.21
C ALA B 27 15.17 -7.81 4.23
N ALA B 28 14.30 -8.46 5.02
CA ALA B 28 13.51 -7.75 6.02
C ALA B 28 14.10 -7.94 7.41
N SER B 29 14.18 -6.85 8.15
CA SER B 29 14.70 -6.93 9.52
C SER B 29 13.81 -6.09 10.41
N GLY B 30 14.02 -6.25 11.71
CA GLY B 30 13.18 -5.59 12.69
C GLY B 30 11.96 -6.39 13.07
N SER B 31 10.86 -5.71 13.41
CA SER B 31 9.71 -6.38 14.01
C SER B 31 8.81 -6.85 12.88
N ILE B 32 9.28 -7.91 12.21
CA ILE B 32 8.65 -8.33 10.97
C ILE B 32 7.53 -9.36 11.16
N SER B 33 7.26 -9.79 12.40
CA SER B 33 6.22 -10.80 12.60
C SER B 33 4.82 -10.25 12.32
N SER B 34 4.70 -8.92 12.25
CA SER B 34 3.49 -8.18 11.93
C SER B 34 3.12 -8.15 10.45
N ILE B 35 4.02 -8.58 9.56
CA ILE B 35 3.85 -8.31 8.17
C ILE B 35 2.86 -9.30 7.56
N THR B 36 1.85 -8.77 6.87
CA THR B 36 0.84 -9.54 6.15
C THR B 36 1.04 -9.59 4.65
N TYR B 37 1.62 -8.55 4.03
CA TYR B 37 2.01 -8.63 2.62
C TYR B 37 3.42 -8.11 2.44
N LEU B 38 4.17 -8.77 1.56
CA LEU B 38 5.44 -8.28 1.02
C LEU B 38 5.19 -7.97 -0.44
N GLY B 39 5.44 -6.72 -0.85
CA GLY B 39 5.13 -6.32 -2.20
C GLY B 39 6.33 -5.75 -2.88
N TRP B 40 6.28 -5.80 -4.21
CA TRP B 40 7.29 -5.20 -5.09
C TRP B 40 6.56 -4.13 -5.89
N PHE B 41 7.05 -2.89 -5.85
CA PHE B 41 6.49 -1.74 -6.57
C PHE B 41 7.57 -1.23 -7.53
N ARG B 42 7.21 -0.57 -8.60
CA ARG B 42 8.27 -0.07 -9.45
C ARG B 42 7.90 1.32 -9.93
N GLN B 43 8.92 2.15 -10.17
CA GLN B 43 8.63 3.48 -10.68
C GLN B 43 9.54 3.67 -11.88
N ALA B 44 8.96 3.56 -13.07
CA ALA B 44 9.65 3.71 -14.35
C ALA B 44 9.89 5.18 -14.66
N PRO B 45 10.87 5.50 -15.52
CA PRO B 45 11.12 6.90 -15.83
C PRO B 45 9.86 7.54 -16.42
N GLY B 46 9.48 8.69 -15.84
CA GLY B 46 8.34 9.45 -16.32
C GLY B 46 6.96 8.90 -16.00
N LYS B 47 6.84 7.98 -15.05
CA LYS B 47 5.58 7.32 -14.73
C LYS B 47 5.42 7.26 -13.22
N GLU B 48 4.15 7.17 -12.78
CA GLU B 48 3.83 6.93 -11.37
C GLU B 48 4.23 5.51 -10.93
N ARG B 49 4.37 5.34 -9.62
CA ARG B 49 4.72 4.04 -9.05
C ARG B 49 3.55 3.08 -9.18
N GLU B 50 3.84 1.83 -9.50
CA GLU B 50 2.82 0.81 -9.66
C GLU B 50 3.20 -0.48 -8.97
N GLY B 51 2.19 -1.22 -8.51
CA GLY B 51 2.44 -2.52 -7.90
C GLY B 51 2.70 -3.52 -8.99
N VAL B 52 3.67 -4.41 -8.73
CA VAL B 52 4.12 -5.41 -9.67
C VAL B 52 3.74 -6.80 -9.19
N ALA B 53 4.04 -7.11 -7.91
CA ALA B 53 3.83 -8.45 -7.39
C ALA B 53 3.72 -8.35 -5.89
N ALA B 54 2.95 -9.25 -5.29
CA ALA B 54 2.83 -9.21 -3.84
C ALA B 54 2.62 -10.62 -3.36
N LEU B 55 3.02 -10.88 -2.13
CA LEU B 55 2.89 -12.21 -1.53
C LEU B 55 2.24 -12.03 -0.19
N MET B 56 1.15 -12.78 0.09
CA MET B 56 0.49 -12.69 1.38
C MET B 56 1.16 -13.71 2.28
N THR B 57 1.70 -13.27 3.43
CA THR B 57 2.39 -14.21 4.32
C THR B 57 1.42 -15.20 4.97
N THR B 58 0.16 -14.78 5.14
CA THR B 58 -0.87 -15.57 5.83
C THR B 58 -1.03 -16.94 5.21
N ASP B 59 -1.15 -16.98 3.87
CA ASP B 59 -1.42 -18.23 3.16
C ASP B 59 -0.49 -18.48 1.98
N GLY B 60 0.46 -17.58 1.70
CA GLY B 60 1.38 -17.75 0.59
C GLY B 60 0.84 -17.31 -0.75
N SER B 61 -0.38 -16.77 -0.79
CA SER B 61 -0.98 -16.41 -2.06
C SER B 61 -0.15 -15.29 -2.69
N THR B 62 -0.18 -15.25 -4.02
CA THR B 62 0.60 -14.26 -4.74
C THR B 62 -0.31 -13.50 -5.72
N TYR B 63 0.13 -12.31 -6.09
CA TYR B 63 -0.69 -11.38 -6.86
C TYR B 63 0.24 -10.69 -7.83
N TYR B 64 -0.21 -10.46 -9.07
CA TYR B 64 0.67 -9.88 -10.07
C TYR B 64 -0.08 -8.85 -10.89
N ALA B 65 0.65 -7.81 -11.29
CA ALA B 65 0.16 -6.91 -12.33
C ALA B 65 0.02 -7.68 -13.63
N ASN B 66 -0.97 -7.29 -14.44
CA ASN B 66 -1.18 -8.05 -15.66
C ASN B 66 0.03 -7.97 -16.58
N SER B 67 0.70 -6.83 -16.61
CA SER B 67 1.81 -6.69 -17.52
C SER B 67 3.01 -7.57 -17.16
N VAL B 68 3.04 -8.21 -15.98
CA VAL B 68 4.17 -9.05 -15.60
C VAL B 68 3.79 -10.49 -15.32
N LYS B 69 2.49 -10.82 -15.31
CA LYS B 69 2.03 -12.19 -15.08
C LYS B 69 2.72 -13.18 -16.03
N GLY B 70 3.16 -14.30 -15.45
CA GLY B 70 3.84 -15.33 -16.19
C GLY B 70 5.34 -15.10 -16.35
N ARG B 71 5.79 -13.85 -16.29
CA ARG B 71 7.19 -13.49 -16.47
C ARG B 71 7.90 -13.29 -15.14
N PHE B 72 7.17 -12.77 -14.15
CA PHE B 72 7.73 -12.47 -12.85
C PHE B 72 7.14 -13.40 -11.81
N THR B 73 7.95 -13.81 -10.84
CA THR B 73 7.48 -14.63 -9.75
C THR B 73 7.99 -14.08 -8.43
N VAL B 74 7.10 -13.96 -7.45
CA VAL B 74 7.46 -13.50 -6.12
C VAL B 74 7.43 -14.72 -5.21
N SER B 75 8.41 -14.81 -4.32
CA SER B 75 8.49 -15.95 -3.40
C SER B 75 9.19 -15.51 -2.13
N LEU B 76 8.98 -16.29 -1.08
CA LEU B 76 9.48 -15.93 0.24
C LEU B 76 10.35 -17.06 0.75
N ASP B 77 11.60 -16.75 1.14
CA ASP B 77 12.44 -17.72 1.87
C ASP B 77 12.34 -17.34 3.33
N ASN B 78 11.46 -18.03 4.06
CA ASN B 78 11.24 -17.69 5.46
C ASN B 78 12.52 -17.79 6.26
N ALA B 79 13.34 -18.81 5.98
CA ALA B 79 14.54 -19.08 6.75
C ALA B 79 15.53 -17.93 6.67
N LYS B 80 15.54 -17.19 5.57
CA LYS B 80 16.41 -16.03 5.39
C LYS B 80 15.69 -14.70 5.58
N ASN B 81 14.40 -14.69 5.91
CA ASN B 81 13.61 -13.43 5.95
C ASN B 81 13.85 -12.59 4.71
N THR B 82 13.76 -13.24 3.56
CA THR B 82 14.06 -12.57 2.30
C THR B 82 12.97 -12.91 1.31
N VAL B 83 12.44 -11.89 0.64
CA VAL B 83 11.46 -12.07 -0.42
C VAL B 83 12.15 -11.79 -1.75
N TYR B 84 11.78 -12.54 -2.80
CA TYR B 84 12.47 -12.49 -4.09
C TYR B 84 11.50 -12.08 -5.17
N LEU B 85 12.03 -11.43 -6.20
CA LEU B 85 11.28 -11.22 -7.44
C LEU B 85 12.11 -11.76 -8.58
N GLN B 86 11.80 -12.99 -9.04
CA GLN B 86 12.40 -13.54 -10.23
C GLN B 86 11.77 -12.87 -11.45
N MET B 87 12.61 -12.30 -12.31
CA MET B 87 12.14 -11.54 -13.48
C MET B 87 12.72 -12.16 -14.73
N ASN B 88 11.86 -12.77 -15.55
CA ASN B 88 12.29 -13.37 -16.80
C ASN B 88 11.74 -12.58 -17.96
N SER B 89 12.28 -12.87 -19.14
CA SER B 89 11.80 -12.28 -20.38
C SER B 89 11.60 -10.77 -20.24
N LEU B 90 12.64 -10.10 -19.74
CA LEU B 90 12.57 -8.67 -19.45
C LEU B 90 12.42 -7.84 -20.74
N LYS B 91 11.60 -6.81 -20.64
CA LYS B 91 11.33 -5.89 -21.73
C LYS B 91 11.86 -4.52 -21.37
N PRO B 92 12.11 -3.64 -22.35
CA PRO B 92 12.57 -2.29 -22.00
C PRO B 92 11.60 -1.55 -21.09
N GLU B 93 10.29 -1.82 -21.22
CA GLU B 93 9.30 -1.19 -20.38
C GLU B 93 9.37 -1.68 -18.94
N ASP B 94 10.17 -2.71 -18.65
CA ASP B 94 10.39 -3.09 -17.25
C ASP B 94 11.46 -2.25 -16.57
N THR B 95 12.17 -1.38 -17.30
CA THR B 95 13.14 -0.47 -16.71
C THR B 95 12.48 0.42 -15.67
N ALA B 96 13.06 0.47 -14.48
CA ALA B 96 12.41 1.18 -13.37
C ALA B 96 13.27 1.07 -12.11
N LEU B 97 12.96 1.92 -11.14
CA LEU B 97 13.40 1.69 -9.77
C LEU B 97 12.40 0.77 -9.12
N TYR B 98 12.89 -0.36 -8.56
CA TYR B 98 12.02 -1.31 -7.89
C TYR B 98 12.15 -1.21 -6.38
N TYR B 99 11.02 -1.11 -5.71
CA TYR B 99 10.93 -0.97 -4.26
C TYR B 99 10.33 -2.23 -3.62
N CYS B 100 10.98 -2.72 -2.57
CA CYS B 100 10.36 -3.68 -1.64
C CYS B 100 9.49 -2.93 -0.64
N ALA B 101 8.30 -3.48 -0.32
CA ALA B 101 7.43 -2.84 0.67
C ALA B 101 6.75 -3.89 1.53
N ALA B 102 6.37 -3.49 2.72
CA ALA B 102 5.66 -4.39 3.63
C ALA B 102 4.42 -3.74 4.23
N ALA B 103 3.35 -4.54 4.32
CA ALA B 103 2.07 -4.11 4.86
C ALA B 103 1.76 -4.95 6.09
N GLU B 104 1.22 -4.31 7.11
CA GLU B 104 0.61 -4.99 8.23
C GLU B 104 -0.87 -5.22 7.98
N ASN B 105 -1.53 -5.81 8.96
CA ASN B 105 -2.93 -6.17 8.82
C ASN B 105 -3.80 -4.92 8.65
N GLY B 106 -4.85 -5.06 7.87
CA GLY B 106 -5.76 -3.94 7.73
C GLY B 106 -6.65 -4.01 6.51
N PHE B 107 -6.02 -3.99 5.34
CA PHE B 107 -6.69 -3.93 4.06
C PHE B 107 -6.17 -5.05 3.18
N LYS B 108 -7.04 -5.61 2.37
CA LYS B 108 -6.69 -6.76 1.53
C LYS B 108 -6.69 -6.34 0.06
N ILE B 109 -5.74 -5.49 -0.30
CA ILE B 109 -5.66 -4.88 -1.63
C ILE B 109 -4.18 -4.98 -1.99
N PRO B 110 -3.72 -6.16 -2.39
CA PRO B 110 -2.27 -6.42 -2.34
C PRO B 110 -1.36 -5.56 -3.20
N LEU B 111 -1.83 -5.00 -4.31
CA LEU B 111 -0.95 -4.30 -5.22
C LEU B 111 -1.14 -2.79 -5.15
N TRP B 112 -1.78 -2.30 -4.09
CA TRP B 112 -2.04 -0.87 -3.91
C TRP B 112 -1.08 -0.32 -2.86
N GLU B 113 -0.25 0.66 -3.24
CA GLU B 113 0.79 1.07 -2.30
C GLU B 113 0.21 1.71 -1.04
N TYR B 114 -1.05 2.17 -1.06
CA TYR B 114 -1.58 2.84 0.13
C TYR B 114 -1.77 1.92 1.33
N ILE B 115 -1.69 0.59 1.15
CA ILE B 115 -1.88 -0.29 2.30
C ILE B 115 -0.55 -0.63 2.96
N TYR B 116 0.58 -0.22 2.35
CA TYR B 116 1.93 -0.61 2.80
C TYR B 116 2.52 0.47 3.66
N THR B 117 3.07 0.07 4.83
CA THR B 117 3.68 1.07 5.71
C THR B 117 5.20 1.14 5.63
N TYR B 118 5.90 0.04 5.30
CA TYR B 118 7.37 0.04 5.31
C TYR B 118 7.88 -0.04 3.90
N TRP B 119 8.94 0.69 3.61
CA TRP B 119 9.47 0.80 2.25
C TRP B 119 10.99 0.71 2.24
N GLY B 120 11.55 0.03 1.24
CA GLY B 120 12.97 0.07 1.00
C GLY B 120 13.33 1.31 0.22
N GLN B 121 14.64 1.44 -0.04
CA GLN B 121 15.15 2.54 -0.84
C GLN B 121 15.13 2.29 -2.34
N GLY B 122 14.93 1.07 -2.78
CA GLY B 122 14.83 0.85 -4.21
C GLY B 122 16.11 0.31 -4.81
N THR B 123 15.96 -0.45 -5.89
CA THR B 123 17.11 -0.95 -6.67
C THR B 123 16.80 -0.75 -8.15
N GLN B 124 17.77 -0.24 -8.90
CA GLN B 124 17.53 0.12 -10.30
C GLN B 124 17.60 -1.14 -11.18
N VAL B 125 16.62 -1.29 -12.07
CA VAL B 125 16.61 -2.35 -13.09
C VAL B 125 16.60 -1.65 -14.45
N THR B 126 17.64 -1.86 -15.26
CA THR B 126 17.72 -1.26 -16.59
C THR B 126 17.74 -2.37 -17.63
N VAL B 127 16.80 -2.33 -18.59
CA VAL B 127 16.65 -3.34 -19.65
C VAL B 127 16.83 -2.64 -20.99
N SER B 128 17.84 -3.06 -21.75
CA SER B 128 18.22 -2.39 -23.00
C SER B 128 17.51 -2.99 -24.20
N ALA B 129 17.09 -2.13 -25.12
CA ALA B 129 16.34 -2.58 -26.30
C ALA B 129 17.16 -3.53 -27.17
#